data_3L2M
#
_entry.id   3L2M
#
_cell.length_a   70.650
_cell.length_b   114.880
_cell.length_c   118.850
_cell.angle_alpha   90.00
_cell.angle_beta   90.00
_cell.angle_gamma   90.00
#
_symmetry.space_group_name_H-M   'P 21 21 21'
#
loop_
_entity.id
_entity.type
_entity.pdbx_description
1 polymer 'Pancreatic alpha-amylase'
2 branched Cyclohexakis-(1-4)-(alpha-D-glucopyranose)
3 non-polymer 'CALCIUM ION'
4 non-polymer 'CHLORIDE ION'
5 water water
#
_entity_poly.entity_id   1
_entity_poly.type   'polypeptide(L)'
_entity_poly.pdbx_seq_one_letter_code
;(PCA)YAPQTQSGRTSIVHLFEWRWVDIALECERYLGPKGFGGVQVSPPNENIVVTNPSRPWWERYQPVSYKLCTRSGNE
NEFRDMVTRCNNVGVRIYVDAVINHMCGSGAAAGTGTTCGSYCNPGNREFPAVPYSAWDFNDGKCKTASGGIESYNDPYQ
VRDCQLVGLLDLALEKDYVRSMIADYLNKLIDIGVAGFRIDASKHMWPGDIKAVLDKLHNLNTNWFPAGSRPFIFQEVID
LGGEAIQSSEYFGNGRVTEFKYGAKLGTVVRKWSGEKMSYLKNWGEGWGFMPSDRALVFVDNHDNQRGHGAGGASILTFW
DARLYKVAVGFMLAHPYGFTRVMSSYRWARNFVNGQDVNDWIGPPNNNGVIKEVTINADTTCGNDWVCEHRWRQIRNMVW
FRNVVDGQPFANWWDNGSNQVAFGRGNRGFIVFNNDDWQLSSTLQTGLPGGTYCDVISGDKVGNSCTGIKVYVSSDGTAQ
FSISNSAEDPFIAIHAESKL
;
_entity_poly.pdbx_strand_id   A
#
# COMPACT_ATOMS: atom_id res chain seq x y z
N TYR A 2 8.16 1.82 14.11
CA TYR A 2 6.70 1.75 13.98
C TYR A 2 6.09 3.05 13.54
N ALA A 3 6.76 4.16 13.85
CA ALA A 3 6.26 5.48 13.49
C ALA A 3 6.57 5.76 12.03
N PRO A 4 5.56 6.19 11.28
CA PRO A 4 5.71 6.40 9.84
C PRO A 4 6.63 7.57 9.42
N GLN A 5 6.87 8.52 10.32
CA GLN A 5 7.72 9.70 10.04
C GLN A 5 7.17 10.66 8.97
N THR A 6 5.86 10.59 8.74
CA THR A 6 5.18 11.59 7.92
C THR A 6 5.15 12.92 8.63
N GLN A 7 4.93 14.00 7.90
N GLN A 7 4.93 14.01 7.90
CA GLN A 7 4.65 15.28 8.53
CA GLN A 7 4.76 15.31 8.56
C GLN A 7 3.45 15.14 9.44
C GLN A 7 3.44 15.31 9.33
N SER A 8 3.47 15.92 10.52
CA SER A 8 2.35 15.93 11.46
CA SER A 8 2.35 15.89 11.45
C SER A 8 1.05 16.22 10.74
N GLY A 9 0.02 15.46 11.08
CA GLY A 9 -1.27 15.66 10.45
C GLY A 9 -1.49 14.91 9.14
N ARG A 10 -0.53 14.10 8.69
CA ARG A 10 -0.68 13.34 7.44
C ARG A 10 -0.66 11.86 7.73
N THR A 11 -1.67 11.13 7.25
CA THR A 11 -1.99 9.83 7.82
C THR A 11 -2.04 8.66 6.83
N SER A 12 -1.75 8.87 5.55
CA SER A 12 -1.72 7.77 4.58
C SER A 12 -0.51 7.82 3.65
N ILE A 13 -0.14 6.68 3.09
N ILE A 13 -0.19 6.66 3.09
CA ILE A 13 0.82 6.67 1.99
CA ILE A 13 0.83 6.48 2.04
C ILE A 13 0.15 6.05 0.77
C ILE A 13 0.12 6.04 0.76
N VAL A 14 0.71 6.31 -0.41
CA VAL A 14 0.18 5.81 -1.66
C VAL A 14 1.28 5.04 -2.42
N HIS A 15 0.92 3.87 -2.97
CA HIS A 15 1.84 3.08 -3.83
C HIS A 15 1.75 3.60 -5.26
N LEU A 16 2.73 4.36 -5.69
CA LEU A 16 2.77 4.79 -7.09
C LEU A 16 3.49 3.72 -7.92
N PHE A 17 2.77 2.64 -8.21
CA PHE A 17 3.30 1.38 -8.71
C PHE A 17 3.84 1.56 -10.13
N GLU A 18 5.13 1.31 -10.27
CA GLU A 18 5.86 1.40 -11.55
C GLU A 18 5.96 2.80 -12.14
N TRP A 19 5.63 3.82 -11.38
CA TRP A 19 5.87 5.19 -11.85
C TRP A 19 7.35 5.54 -11.98
N ARG A 20 7.68 6.39 -12.96
CA ARG A 20 8.99 6.94 -13.14
C ARG A 20 9.25 8.00 -12.09
N TRP A 21 10.52 8.12 -11.71
CA TRP A 21 10.91 9.05 -10.66
C TRP A 21 10.55 10.50 -11.00
N VAL A 22 10.75 10.93 -12.26
N VAL A 22 10.74 10.91 -12.26
CA VAL A 22 10.42 12.32 -12.65
CA VAL A 22 10.42 12.30 -12.66
C VAL A 22 8.91 12.61 -12.52
C VAL A 22 8.92 12.61 -12.52
N ASP A 23 8.06 11.62 -12.81
CA ASP A 23 6.63 11.81 -12.66
C ASP A 23 6.20 11.86 -11.19
N ILE A 24 6.90 11.13 -10.33
CA ILE A 24 6.59 11.14 -8.89
C ILE A 24 6.98 12.50 -8.31
N ALA A 25 8.17 13.00 -8.68
CA ALA A 25 8.59 14.34 -8.25
C ALA A 25 7.55 15.38 -8.61
N LEU A 26 7.11 15.40 -9.85
CA LEU A 26 6.05 16.33 -10.25
C LEU A 26 4.76 16.15 -9.43
N GLU A 27 4.33 14.90 -9.26
CA GLU A 27 3.09 14.58 -8.52
C GLU A 27 3.13 15.06 -7.06
N CYS A 28 4.31 14.94 -6.43
CA CYS A 28 4.51 15.48 -5.11
C CYS A 28 4.22 16.97 -5.06
N GLU A 29 4.72 17.71 -6.04
CA GLU A 29 4.59 19.17 -6.03
C GLU A 29 3.19 19.65 -6.41
N ARG A 30 2.60 19.05 -7.44
CA ARG A 30 1.35 19.57 -7.97
C ARG A 30 0.11 18.98 -7.30
N TYR A 31 0.28 17.87 -6.58
CA TYR A 31 -0.88 17.15 -6.05
C TYR A 31 -0.71 16.55 -4.64
N LEU A 32 0.27 15.69 -4.43
CA LEU A 32 0.38 14.97 -3.15
C LEU A 32 0.64 15.89 -1.96
N GLY A 33 1.50 16.88 -2.15
CA GLY A 33 1.76 17.86 -1.09
C GLY A 33 0.51 18.68 -0.76
N PRO A 34 0.00 19.43 -1.74
CA PRO A 34 -1.21 20.22 -1.50
C PRO A 34 -2.42 19.44 -0.96
N LYS A 35 -2.58 18.19 -1.37
CA LYS A 35 -3.74 17.39 -0.94
C LYS A 35 -3.56 16.53 0.32
N GLY A 36 -2.45 16.70 1.02
CA GLY A 36 -2.35 16.11 2.35
C GLY A 36 -1.92 14.67 2.44
N PHE A 37 -1.30 14.14 1.39
CA PHE A 37 -0.84 12.78 1.39
C PHE A 37 0.46 12.72 2.18
N GLY A 38 0.65 11.66 2.94
CA GLY A 38 1.82 11.52 3.79
C GLY A 38 3.09 11.06 3.11
N GLY A 39 2.95 10.18 2.12
CA GLY A 39 4.13 9.70 1.44
C GLY A 39 3.79 8.75 0.30
N VAL A 40 4.86 8.28 -0.32
CA VAL A 40 4.81 7.44 -1.48
C VAL A 40 5.64 6.20 -1.27
N GLN A 41 5.05 5.07 -1.60
CA GLN A 41 5.83 3.85 -1.75
C GLN A 41 6.25 3.70 -3.19
N VAL A 42 7.54 3.52 -3.43
CA VAL A 42 8.04 3.44 -4.81
C VAL A 42 8.43 2.02 -5.15
N SER A 43 8.45 1.72 -6.44
CA SER A 43 8.89 0.42 -6.91
C SER A 43 10.39 0.27 -6.65
N PRO A 44 10.88 -0.96 -6.63
CA PRO A 44 12.28 -1.17 -6.26
C PRO A 44 13.20 -0.32 -7.14
N PRO A 45 14.08 0.48 -6.51
CA PRO A 45 14.93 1.38 -7.30
C PRO A 45 16.27 0.78 -7.75
N ASN A 46 16.57 -0.45 -7.35
CA ASN A 46 17.84 -1.11 -7.69
C ASN A 46 17.72 -1.91 -9.00
N GLU A 47 18.87 -2.13 -9.63
CA GLU A 47 18.98 -2.82 -10.93
C GLU A 47 18.42 -4.23 -10.90
N ASN A 48 17.65 -4.57 -11.93
CA ASN A 48 17.05 -5.90 -12.04
C ASN A 48 17.34 -6.57 -13.37
N ILE A 49 17.03 -7.85 -13.44
CA ILE A 49 17.24 -8.59 -14.68
C ILE A 49 16.15 -8.16 -15.70
N VAL A 50 16.50 -8.21 -16.98
CA VAL A 50 15.54 -7.96 -18.05
C VAL A 50 14.91 -9.28 -18.47
N VAL A 51 13.58 -9.34 -18.41
CA VAL A 51 12.87 -10.56 -18.79
C VAL A 51 12.22 -10.29 -20.12
N THR A 52 12.46 -11.17 -21.07
CA THR A 52 11.91 -11.03 -22.41
C THR A 52 10.85 -12.09 -22.71
N ASN A 53 10.77 -13.11 -21.86
CA ASN A 53 9.70 -14.13 -21.92
C ASN A 53 8.92 -14.25 -20.62
N PRO A 54 7.81 -13.50 -20.50
CA PRO A 54 7.21 -12.58 -21.45
C PRO A 54 7.91 -11.20 -21.45
N SER A 55 7.41 -10.24 -22.23
N SER A 55 7.38 -10.25 -22.21
CA SER A 55 8.13 -9.00 -22.48
CA SER A 55 8.07 -8.98 -22.47
C SER A 55 8.00 -7.95 -21.36
C SER A 55 7.97 -7.95 -21.34
N ARG A 56 9.02 -7.88 -20.51
CA ARG A 56 9.13 -6.84 -19.51
C ARG A 56 7.94 -6.82 -18.54
N PRO A 57 7.72 -7.94 -17.83
CA PRO A 57 6.66 -7.98 -16.85
C PRO A 57 6.94 -7.12 -15.62
N TRP A 58 5.89 -6.80 -14.86
CA TRP A 58 6.07 -6.04 -13.65
C TRP A 58 7.03 -6.74 -12.71
N TRP A 59 6.96 -8.07 -12.69
CA TRP A 59 7.67 -8.83 -11.70
C TRP A 59 9.17 -9.00 -11.96
N GLU A 60 9.67 -8.52 -13.10
CA GLU A 60 11.13 -8.55 -13.31
C GLU A 60 11.81 -7.69 -12.26
N ARG A 61 11.07 -6.73 -11.71
CA ARG A 61 11.63 -5.81 -10.73
C ARG A 61 11.85 -6.42 -9.34
N TYR A 62 11.36 -7.65 -9.14
CA TYR A 62 11.58 -8.40 -7.91
C TYR A 62 12.72 -9.43 -8.09
N GLN A 63 13.52 -9.23 -9.14
CA GLN A 63 14.69 -10.05 -9.43
C GLN A 63 15.97 -9.22 -9.58
N PRO A 64 16.57 -8.81 -8.44
CA PRO A 64 17.78 -7.99 -8.39
C PRO A 64 19.02 -8.59 -9.01
N VAL A 65 19.83 -7.73 -9.61
CA VAL A 65 21.15 -8.14 -10.04
C VAL A 65 22.26 -7.30 -9.43
N SER A 66 21.93 -6.12 -8.89
CA SER A 66 22.91 -5.31 -8.13
C SER A 66 22.13 -4.31 -7.29
N TYR A 67 22.83 -3.48 -6.54
CA TYR A 67 22.18 -2.39 -5.82
C TYR A 67 22.42 -1.01 -6.43
N LYS A 68 22.85 -0.99 -7.70
CA LYS A 68 22.88 0.25 -8.47
C LYS A 68 21.48 0.80 -8.69
N LEU A 69 21.35 2.12 -8.60
CA LEU A 69 20.04 2.76 -8.72
C LEU A 69 19.75 3.10 -10.18
N CYS A 70 19.37 2.07 -10.94
N CYS A 70 19.58 2.07 -11.02
CA CYS A 70 19.28 2.15 -12.37
CA CYS A 70 19.22 2.30 -12.42
C CYS A 70 18.20 1.19 -12.86
C CYS A 70 18.23 1.25 -12.91
N THR A 71 17.00 1.72 -13.14
CA THR A 71 15.87 0.92 -13.49
C THR A 71 15.05 1.61 -14.58
N ARG A 72 13.95 1.00 -15.02
CA ARG A 72 13.07 1.67 -15.97
C ARG A 72 12.39 2.92 -15.38
N SER A 73 12.36 3.05 -14.07
CA SER A 73 11.85 4.25 -13.45
C SER A 73 12.83 5.42 -13.54
N GLY A 74 14.11 5.14 -13.76
CA GLY A 74 15.10 6.19 -13.92
C GLY A 74 16.42 5.88 -13.25
N ASN A 75 17.29 6.88 -13.25
CA ASN A 75 18.66 6.73 -12.78
C ASN A 75 18.86 7.39 -11.42
N GLU A 76 20.09 7.37 -10.92
CA GLU A 76 20.36 7.78 -9.56
C GLU A 76 20.11 9.26 -9.36
N ASN A 77 20.45 10.08 -10.37
CA ASN A 77 20.21 11.52 -10.28
C ASN A 77 18.75 11.84 -10.21
N GLU A 78 17.95 11.12 -11.00
N GLU A 78 17.96 11.14 -11.02
CA GLU A 78 16.53 11.35 -11.00
CA GLU A 78 16.52 11.29 -11.03
C GLU A 78 15.87 10.83 -9.71
C GLU A 78 15.90 10.85 -9.70
N PHE A 79 16.42 9.78 -9.11
CA PHE A 79 15.92 9.28 -7.85
C PHE A 79 16.18 10.31 -6.74
N ARG A 80 17.40 10.81 -6.67
CA ARG A 80 17.76 11.82 -5.67
C ARG A 80 16.89 13.07 -5.78
N ASP A 81 16.75 13.57 -7.00
CA ASP A 81 15.92 14.72 -7.27
C ASP A 81 14.49 14.52 -6.77
N MET A 82 13.94 13.34 -7.01
N MET A 82 13.96 13.33 -6.99
CA MET A 82 12.59 13.00 -6.56
CA MET A 82 12.60 13.02 -6.57
C MET A 82 12.48 13.02 -5.03
C MET A 82 12.45 12.96 -5.05
N VAL A 83 13.45 12.41 -4.35
CA VAL A 83 13.41 12.37 -2.90
C VAL A 83 13.50 13.80 -2.32
N THR A 84 14.40 14.62 -2.85
CA THR A 84 14.60 16.00 -2.36
C THR A 84 13.32 16.81 -2.55
N ARG A 85 12.76 16.72 -3.73
CA ARG A 85 11.61 17.55 -4.09
C ARG A 85 10.38 17.16 -3.34
N CYS A 86 10.15 15.85 -3.18
CA CYS A 86 9.02 15.34 -2.38
C CYS A 86 9.15 15.72 -0.90
N ASN A 87 10.33 15.52 -0.31
CA ASN A 87 10.54 15.92 1.07
C ASN A 87 10.31 17.40 1.29
N ASN A 88 10.69 18.21 0.29
CA ASN A 88 10.59 19.67 0.41
C ASN A 88 9.16 20.19 0.41
N VAL A 89 8.22 19.41 -0.09
CA VAL A 89 6.80 19.74 0.08
C VAL A 89 6.09 18.80 1.07
N GLY A 90 6.87 18.11 1.90
CA GLY A 90 6.29 17.36 3.04
C GLY A 90 5.76 15.98 2.73
N VAL A 91 6.19 15.38 1.62
CA VAL A 91 5.76 14.03 1.23
C VAL A 91 6.97 13.10 1.28
N ARG A 92 6.90 12.08 2.14
CA ARG A 92 8.01 11.15 2.38
C ARG A 92 8.06 10.05 1.34
N ILE A 93 9.24 9.44 1.18
CA ILE A 93 9.44 8.39 0.20
C ILE A 93 9.79 7.11 0.93
N TYR A 94 9.09 6.02 0.63
CA TYR A 94 9.37 4.71 1.22
C TYR A 94 9.76 3.74 0.12
N VAL A 95 10.92 3.11 0.27
CA VAL A 95 11.46 2.25 -0.75
C VAL A 95 11.08 0.78 -0.53
N ASP A 96 10.77 0.12 -1.65
CA ASP A 96 10.53 -1.30 -1.72
C ASP A 96 11.89 -2.01 -1.75
N ALA A 97 12.26 -2.58 -0.59
CA ALA A 97 13.55 -3.24 -0.39
C ALA A 97 13.49 -4.73 -0.69
N VAL A 98 14.10 -5.13 -1.80
CA VAL A 98 14.14 -6.52 -2.22
C VAL A 98 15.45 -7.16 -1.79
N ILE A 99 15.39 -7.87 -0.65
CA ILE A 99 16.59 -8.31 0.07
C ILE A 99 16.65 -9.79 0.41
N ASN A 100 15.60 -10.52 0.06
CA ASN A 100 15.57 -11.95 0.36
C ASN A 100 16.35 -12.75 -0.67
N HIS A 101 16.44 -12.22 -1.88
CA HIS A 101 16.90 -12.99 -3.01
C HIS A 101 17.47 -12.13 -4.11
N MET A 102 18.17 -12.77 -5.04
CA MET A 102 18.58 -12.14 -6.29
C MET A 102 17.68 -12.66 -7.41
N CYS A 103 18.18 -12.81 -8.63
CA CYS A 103 17.28 -13.15 -9.72
C CYS A 103 17.08 -14.68 -9.84
N GLY A 104 16.30 -15.07 -10.84
CA GLY A 104 16.00 -16.48 -11.11
C GLY A 104 17.22 -17.34 -11.37
N SER A 105 17.28 -18.51 -10.74
CA SER A 105 18.42 -19.43 -10.92
C SER A 105 18.55 -19.96 -12.35
N GLY A 106 17.43 -19.92 -13.08
CA GLY A 106 17.38 -20.41 -14.46
C GLY A 106 17.66 -19.37 -15.53
N ALA A 107 17.96 -18.13 -15.12
CA ALA A 107 18.22 -17.03 -16.05
C ALA A 107 19.59 -17.16 -16.73
N ALA A 108 19.70 -16.67 -17.96
CA ALA A 108 20.95 -16.81 -18.72
C ALA A 108 22.00 -15.83 -18.23
N ALA A 109 23.26 -16.22 -18.34
CA ALA A 109 24.36 -15.33 -17.97
C ALA A 109 24.54 -14.28 -19.05
N GLY A 110 24.92 -13.07 -18.65
CA GLY A 110 25.18 -12.01 -19.62
C GLY A 110 24.83 -10.66 -19.03
N THR A 111 24.57 -9.71 -19.93
CA THR A 111 24.28 -8.35 -19.50
C THR A 111 22.87 -7.86 -19.89
N GLY A 112 21.90 -8.76 -19.90
CA GLY A 112 20.49 -8.37 -20.11
C GLY A 112 19.92 -7.92 -18.78
N THR A 113 20.35 -6.73 -18.36
CA THR A 113 20.06 -6.17 -17.03
C THR A 113 19.79 -4.68 -17.23
N THR A 114 19.09 -4.04 -16.31
CA THR A 114 18.63 -2.66 -16.54
C THR A 114 19.72 -1.57 -16.58
N CYS A 115 20.90 -1.85 -16.02
N CYS A 115 20.89 -1.84 -15.99
CA CYS A 115 22.03 -0.95 -16.12
CA CYS A 115 22.05 -0.95 -16.07
C CYS A 115 23.24 -1.59 -16.82
C CYS A 115 23.17 -1.49 -16.98
N GLY A 116 23.07 -2.75 -17.41
CA GLY A 116 24.20 -3.41 -18.10
C GLY A 116 25.20 -4.15 -17.21
N SER A 117 24.93 -4.28 -15.92
CA SER A 117 25.79 -5.11 -15.10
C SER A 117 25.81 -6.54 -15.60
N TYR A 118 26.93 -7.23 -15.42
CA TYR A 118 27.03 -8.64 -15.76
C TYR A 118 26.53 -9.49 -14.58
N CYS A 119 25.89 -10.61 -14.85
CA CYS A 119 25.68 -11.62 -13.80
C CYS A 119 25.69 -13.00 -14.44
N ASN A 120 25.93 -14.03 -13.63
CA ASN A 120 25.83 -15.43 -14.06
C ASN A 120 25.04 -16.23 -13.04
N PRO A 121 23.73 -16.29 -13.22
CA PRO A 121 22.89 -16.86 -12.15
C PRO A 121 23.20 -18.33 -11.87
N GLY A 122 23.47 -19.09 -12.94
CA GLY A 122 23.78 -20.50 -12.79
C GLY A 122 24.98 -20.76 -11.91
N ASN A 123 26.00 -19.90 -11.99
CA ASN A 123 27.17 -20.01 -11.11
C ASN A 123 27.07 -19.09 -9.88
N ARG A 124 25.90 -18.48 -9.65
CA ARG A 124 25.68 -17.58 -8.51
C ARG A 124 26.71 -16.43 -8.44
N GLU A 125 27.07 -15.89 -9.60
CA GLU A 125 28.00 -14.75 -9.71
C GLU A 125 27.30 -13.43 -9.95
N PHE A 126 27.48 -12.49 -9.04
CA PHE A 126 26.92 -11.16 -9.17
C PHE A 126 28.04 -10.15 -8.86
N PRO A 127 28.95 -9.95 -9.83
CA PRO A 127 30.17 -9.17 -9.61
C PRO A 127 29.97 -7.68 -9.26
N ALA A 128 28.79 -7.16 -9.55
CA ALA A 128 28.48 -5.76 -9.29
C ALA A 128 28.15 -5.46 -7.83
N VAL A 129 27.91 -6.51 -7.03
CA VAL A 129 27.67 -6.34 -5.59
C VAL A 129 28.96 -6.19 -4.78
N PRO A 130 29.82 -7.23 -4.73
CA PRO A 130 29.72 -8.55 -5.36
C PRO A 130 29.17 -9.65 -4.45
N TYR A 131 28.49 -10.62 -5.06
CA TYR A 131 28.13 -11.85 -4.38
C TYR A 131 28.71 -13.02 -5.18
N SER A 132 29.02 -14.10 -4.45
CA SER A 132 29.47 -15.35 -5.06
CA SER A 132 29.46 -15.36 -5.06
C SER A 132 28.64 -16.51 -4.47
N ALA A 133 28.99 -17.75 -4.88
CA ALA A 133 28.18 -18.92 -4.52
C ALA A 133 27.99 -19.11 -3.05
N TRP A 134 28.98 -18.71 -2.24
CA TRP A 134 28.83 -18.96 -0.80
C TRP A 134 27.99 -17.91 -0.06
N ASP A 135 27.46 -16.95 -0.80
CA ASP A 135 26.53 -15.97 -0.22
C ASP A 135 25.09 -16.39 -0.41
N PHE A 136 24.87 -17.61 -0.91
CA PHE A 136 23.52 -18.15 -1.09
C PHE A 136 23.24 -19.40 -0.26
N ASN A 137 21.96 -19.73 -0.15
CA ASN A 137 21.50 -20.77 0.74
C ASN A 137 21.41 -22.17 0.15
N ASP A 138 21.94 -22.37 -1.06
CA ASP A 138 21.85 -23.67 -1.73
CA ASP A 138 21.88 -23.69 -1.74
C ASP A 138 22.23 -24.86 -0.81
N GLY A 139 23.30 -24.71 -0.05
CA GLY A 139 23.73 -25.79 0.85
C GLY A 139 22.85 -26.01 2.06
N LYS A 140 22.03 -25.03 2.38
CA LYS A 140 21.27 -25.01 3.62
C LYS A 140 19.85 -25.59 3.41
N CYS A 141 19.31 -25.41 2.22
CA CYS A 141 17.97 -25.93 1.91
C CYS A 141 18.01 -27.47 1.81
N LYS A 142 17.05 -28.12 2.47
CA LYS A 142 17.03 -29.59 2.58
CA LYS A 142 17.05 -29.59 2.56
C LYS A 142 16.12 -30.28 1.56
N THR A 143 15.41 -29.52 0.72
CA THR A 143 14.50 -30.18 -0.22
C THR A 143 15.22 -30.73 -1.44
N ALA A 144 14.64 -31.74 -2.09
CA ALA A 144 15.27 -32.34 -3.24
C ALA A 144 15.29 -31.36 -4.41
N SER A 145 14.24 -30.55 -4.54
CA SER A 145 14.14 -29.65 -5.69
C SER A 145 14.92 -28.36 -5.49
N GLY A 146 15.27 -28.06 -4.24
CA GLY A 146 15.89 -26.78 -3.94
C GLY A 146 14.88 -25.68 -3.68
N GLY A 147 13.60 -25.99 -3.91
CA GLY A 147 12.49 -25.07 -3.69
C GLY A 147 11.64 -25.37 -2.47
N ILE A 148 10.67 -24.51 -2.22
CA ILE A 148 9.71 -24.67 -1.14
C ILE A 148 8.63 -25.67 -1.56
N GLU A 149 8.62 -26.79 -0.88
CA GLU A 149 7.70 -27.87 -1.17
C GLU A 149 6.56 -27.93 -0.15
N SER A 150 6.80 -27.39 1.04
CA SER A 150 5.75 -27.31 2.07
C SER A 150 5.87 -26.04 2.87
N TYR A 151 4.78 -25.28 2.91
CA TYR A 151 4.69 -24.10 3.75
C TYR A 151 4.45 -24.41 5.23
N ASN A 152 4.31 -25.71 5.55
N ASN A 152 4.29 -25.67 5.61
CA ASN A 152 4.14 -26.16 6.93
CA ASN A 152 4.13 -25.90 7.04
C ASN A 152 5.47 -26.22 7.69
C ASN A 152 5.46 -26.32 7.68
N ASP A 153 6.56 -26.12 6.95
CA ASP A 153 7.92 -26.27 7.47
C ASP A 153 8.64 -24.93 7.38
N PRO A 154 8.76 -24.21 8.51
CA PRO A 154 9.32 -22.87 8.49
C PRO A 154 10.75 -22.83 7.95
N TYR A 155 11.49 -23.94 8.09
CA TYR A 155 12.86 -23.99 7.56
C TYR A 155 12.91 -23.90 6.02
N GLN A 156 12.04 -24.64 5.35
CA GLN A 156 11.97 -24.60 3.89
C GLN A 156 11.56 -23.23 3.40
N VAL A 157 10.58 -22.64 4.08
CA VAL A 157 10.04 -21.35 3.66
C VAL A 157 11.15 -20.30 3.65
N ARG A 158 12.05 -20.39 4.61
CA ARG A 158 13.10 -19.39 4.76
C ARG A 158 14.43 -19.66 4.10
N ASP A 159 14.81 -20.94 3.97
CA ASP A 159 16.14 -21.32 3.47
C ASP A 159 16.14 -21.81 2.01
N CYS A 160 14.97 -22.03 1.42
CA CYS A 160 14.88 -22.57 0.07
C CYS A 160 14.44 -21.49 -0.92
N GLN A 161 14.46 -21.82 -2.20
CA GLN A 161 14.16 -20.85 -3.26
C GLN A 161 12.66 -20.61 -3.47
N LEU A 162 12.27 -19.35 -3.36
CA LEU A 162 10.92 -18.87 -3.64
C LEU A 162 10.82 -18.73 -5.15
N VAL A 163 9.92 -19.49 -5.76
CA VAL A 163 9.76 -19.57 -7.25
C VAL A 163 11.05 -19.50 -8.05
N GLY A 164 12.01 -20.29 -7.61
CA GLY A 164 13.29 -20.42 -8.28
C GLY A 164 14.25 -19.25 -8.14
N LEU A 165 13.95 -18.30 -7.24
CA LEU A 165 14.84 -17.15 -7.05
C LEU A 165 16.01 -17.50 -6.12
N LEU A 166 17.22 -17.09 -6.49
CA LEU A 166 18.39 -17.39 -5.68
C LEU A 166 18.28 -16.78 -4.28
N ASP A 167 18.37 -17.64 -3.25
CA ASP A 167 18.08 -17.23 -1.87
C ASP A 167 19.37 -16.81 -1.10
N LEU A 168 19.43 -15.56 -0.66
CA LEU A 168 20.60 -15.04 0.01
C LEU A 168 20.79 -15.56 1.43
N ALA A 169 22.05 -15.80 1.76
CA ALA A 169 22.43 -16.35 3.05
C ALA A 169 22.46 -15.19 4.04
N LEU A 170 21.28 -14.83 4.48
CA LEU A 170 21.10 -13.68 5.37
C LEU A 170 21.66 -13.82 6.79
N GLU A 171 22.09 -15.02 7.18
N GLU A 171 22.13 -15.01 7.18
CA GLU A 171 22.75 -15.19 8.47
CA GLU A 171 22.77 -15.19 8.49
C GLU A 171 24.17 -14.59 8.46
C GLU A 171 24.26 -14.83 8.45
N LYS A 172 24.76 -14.45 7.28
CA LYS A 172 26.17 -14.09 7.17
C LYS A 172 26.34 -12.58 7.30
N ASP A 173 27.37 -12.13 8.05
N ASP A 173 27.36 -12.16 8.06
CA ASP A 173 27.53 -10.69 8.26
CA ASP A 173 27.60 -10.75 8.30
C ASP A 173 27.88 -10.00 6.94
C ASP A 173 27.94 -10.01 7.01
N TYR A 174 28.65 -10.67 6.09
CA TYR A 174 28.98 -10.08 4.81
C TYR A 174 27.72 -9.70 4.01
N VAL A 175 26.72 -10.55 4.04
CA VAL A 175 25.49 -10.32 3.29
C VAL A 175 24.63 -9.29 3.99
N ARG A 176 24.51 -9.39 5.31
CA ARG A 176 23.76 -8.38 6.08
C ARG A 176 24.34 -6.98 5.83
N SER A 177 25.66 -6.90 5.73
CA SER A 177 26.36 -5.64 5.59
C SER A 177 26.21 -5.05 4.20
N MET A 178 26.20 -5.89 3.17
N MET A 178 26.19 -5.90 3.18
CA MET A 178 26.05 -5.41 1.79
CA MET A 178 26.05 -5.44 1.81
C MET A 178 24.66 -4.82 1.63
C MET A 178 24.66 -4.84 1.63
N ILE A 179 23.67 -5.48 2.23
CA ILE A 179 22.29 -5.00 2.21
C ILE A 179 22.16 -3.73 3.04
N ALA A 180 22.74 -3.70 4.24
CA ALA A 180 22.71 -2.46 5.04
C ALA A 180 23.38 -1.29 4.31
N ASP A 181 24.44 -1.54 3.58
CA ASP A 181 25.13 -0.43 2.88
C ASP A 181 24.21 0.19 1.83
N TYR A 182 23.47 -0.65 1.14
CA TYR A 182 22.48 -0.21 0.15
C TYR A 182 21.38 0.60 0.82
N LEU A 183 20.78 0.09 1.91
CA LEU A 183 19.70 0.80 2.56
C LEU A 183 20.20 2.11 3.18
N ASN A 184 21.43 2.12 3.65
CA ASN A 184 21.98 3.32 4.27
C ASN A 184 22.27 4.43 3.25
N LYS A 185 22.63 4.06 2.02
CA LYS A 185 22.78 5.05 0.95
CA LYS A 185 22.80 5.06 0.98
C LYS A 185 21.46 5.76 0.73
N LEU A 186 20.38 4.99 0.67
CA LEU A 186 19.04 5.52 0.47
C LEU A 186 18.54 6.40 1.62
N ILE A 187 18.74 5.94 2.85
CA ILE A 187 18.45 6.77 4.00
C ILE A 187 19.18 8.13 3.95
N ASP A 188 20.50 8.12 3.74
CA ASP A 188 21.26 9.36 3.69
C ASP A 188 20.78 10.30 2.56
N ILE A 189 20.31 9.73 1.46
CA ILE A 189 19.71 10.52 0.38
C ILE A 189 18.42 11.22 0.86
N GLY A 190 17.68 10.59 1.77
CA GLY A 190 16.50 11.22 2.37
C GLY A 190 15.23 10.36 2.43
N VAL A 191 15.38 9.08 2.15
N VAL A 191 15.34 9.07 2.13
CA VAL A 191 14.26 8.15 2.24
CA VAL A 191 14.16 8.20 2.23
C VAL A 191 13.82 7.99 3.71
C VAL A 191 13.80 8.03 3.71
N ALA A 192 12.52 7.83 3.97
CA ALA A 192 12.00 7.77 5.36
C ALA A 192 11.84 6.35 5.94
N GLY A 193 11.86 5.35 5.08
CA GLY A 193 11.63 3.97 5.52
C GLY A 193 11.48 3.04 4.35
N PHE A 194 11.12 1.80 4.66
CA PHE A 194 11.20 0.71 3.74
C PHE A 194 10.05 -0.28 3.85
N ARG A 195 9.59 -0.76 2.70
CA ARG A 195 8.83 -2.02 2.68
C ARG A 195 9.84 -3.15 2.54
N ILE A 196 9.79 -4.11 3.44
N ILE A 196 9.76 -4.13 3.42
CA ILE A 196 10.69 -5.27 3.34
CA ILE A 196 10.66 -5.27 3.34
C ILE A 196 9.94 -6.40 2.61
C ILE A 196 9.96 -6.41 2.62
N ASP A 197 10.29 -6.55 1.34
CA ASP A 197 9.70 -7.55 0.47
C ASP A 197 9.95 -8.98 0.99
N ALA A 198 8.94 -9.83 0.84
CA ALA A 198 9.07 -11.27 1.09
C ALA A 198 9.61 -11.60 2.51
N SER A 199 9.14 -10.86 3.52
CA SER A 199 9.68 -11.04 4.88
C SER A 199 9.38 -12.43 5.44
N LYS A 200 8.29 -13.02 5.02
CA LYS A 200 7.96 -14.39 5.42
C LYS A 200 9.09 -15.36 5.10
N HIS A 201 9.86 -15.02 4.07
CA HIS A 201 10.92 -15.89 3.56
C HIS A 201 12.28 -15.60 4.16
N MET A 202 12.30 -14.78 5.20
CA MET A 202 13.53 -14.57 5.96
C MET A 202 13.25 -14.79 7.46
N TRP A 203 14.30 -15.07 8.23
CA TRP A 203 14.16 -15.21 9.65
C TRP A 203 14.07 -13.82 10.29
N PRO A 204 13.12 -13.63 11.22
CA PRO A 204 12.97 -12.33 11.90
C PRO A 204 14.29 -11.79 12.45
N GLY A 205 15.11 -12.69 13.00
CA GLY A 205 16.43 -12.38 13.52
C GLY A 205 17.42 -11.88 12.50
N ASP A 206 17.34 -12.36 11.27
CA ASP A 206 18.24 -11.89 10.26
C ASP A 206 17.85 -10.49 9.84
N ILE A 207 16.55 -10.24 9.71
CA ILE A 207 16.06 -8.92 9.37
C ILE A 207 16.49 -7.91 10.42
N LYS A 208 16.30 -8.27 11.69
CA LYS A 208 16.66 -7.40 12.80
CA LYS A 208 16.67 -7.42 12.81
C LYS A 208 18.15 -7.03 12.75
N ALA A 209 19.01 -7.99 12.46
CA ALA A 209 20.45 -7.72 12.38
C ALA A 209 20.78 -6.75 11.26
N VAL A 210 20.00 -6.73 10.17
CA VAL A 210 20.21 -5.72 9.13
C VAL A 210 19.73 -4.34 9.62
N LEU A 211 18.58 -4.31 10.29
CA LEU A 211 17.98 -3.06 10.71
C LEU A 211 18.79 -2.36 11.79
N ASP A 212 19.49 -3.14 12.59
CA ASP A 212 20.32 -2.59 13.66
C ASP A 212 21.51 -1.84 13.07
N LYS A 213 21.79 -2.02 11.80
CA LYS A 213 22.93 -1.33 11.18
C LYS A 213 22.56 -0.01 10.51
N LEU A 214 21.28 0.30 10.50
CA LEU A 214 20.82 1.44 9.75
C LEU A 214 21.00 2.78 10.44
N HIS A 215 21.28 3.77 9.62
CA HIS A 215 21.45 5.16 10.03
C HIS A 215 20.14 5.78 10.52
N ASN A 216 20.26 6.78 11.38
CA ASN A 216 19.17 7.70 11.63
C ASN A 216 18.87 8.50 10.36
N LEU A 217 17.63 8.98 10.27
CA LEU A 217 17.14 9.69 9.12
C LEU A 217 17.83 11.05 8.97
N ASN A 218 17.84 11.56 7.73
CA ASN A 218 18.58 12.75 7.37
C ASN A 218 18.00 14.01 8.05
N THR A 219 18.81 14.69 8.86
CA THR A 219 18.35 15.84 9.66
C THR A 219 17.99 17.12 8.90
N ASN A 220 18.14 17.11 7.58
N ASN A 220 18.14 17.12 7.58
CA ASN A 220 17.62 18.20 6.76
CA ASN A 220 17.63 18.22 6.76
C ASN A 220 16.10 18.22 6.77
C ASN A 220 16.11 18.21 6.73
N TRP A 221 15.50 17.05 7.00
CA TRP A 221 14.02 16.94 7.02
C TRP A 221 13.44 16.32 8.26
N PHE A 222 14.24 15.57 9.01
CA PHE A 222 13.71 14.85 10.17
C PHE A 222 14.42 15.32 11.44
N PRO A 223 13.75 15.21 12.59
CA PRO A 223 14.42 15.52 13.82
C PRO A 223 15.55 14.54 14.07
N ALA A 224 16.54 14.99 14.81
CA ALA A 224 17.68 14.16 15.18
C ALA A 224 17.19 12.91 15.91
N GLY A 225 17.84 11.78 15.67
CA GLY A 225 17.55 10.53 16.37
C GLY A 225 16.36 9.77 15.83
N SER A 226 15.91 10.13 14.63
CA SER A 226 14.74 9.48 14.05
C SER A 226 15.13 8.20 13.36
N ARG A 227 14.35 7.15 13.62
CA ARG A 227 14.57 5.85 13.02
C ARG A 227 13.65 5.64 11.81
N PRO A 228 14.14 4.92 10.81
CA PRO A 228 13.33 4.63 9.66
C PRO A 228 12.10 3.84 10.02
N PHE A 229 11.01 4.17 9.32
CA PHE A 229 9.77 3.40 9.35
C PHE A 229 9.99 2.10 8.60
N ILE A 230 9.61 1.00 9.23
CA ILE A 230 9.75 -0.34 8.64
C ILE A 230 8.39 -1.04 8.59
N PHE A 231 7.97 -1.46 7.41
CA PHE A 231 6.82 -2.37 7.30
C PHE A 231 7.21 -3.60 6.51
N GLN A 232 6.91 -4.78 7.09
CA GLN A 232 7.35 -6.07 6.54
C GLN A 232 6.20 -6.76 5.81
N GLU A 233 6.42 -7.24 4.59
CA GLU A 233 5.42 -8.04 3.88
C GLU A 233 5.43 -9.46 4.37
N VAL A 234 4.47 -9.78 5.19
CA VAL A 234 4.26 -11.15 5.64
C VAL A 234 2.80 -11.46 5.35
N ILE A 235 2.56 -12.46 4.53
CA ILE A 235 1.22 -12.94 4.23
C ILE A 235 0.87 -14.02 5.24
N ASP A 236 -0.06 -13.73 6.13
CA ASP A 236 -0.53 -14.70 7.12
C ASP A 236 -2.03 -14.50 7.31
N LEU A 237 -2.79 -15.37 6.67
CA LEU A 237 -4.23 -15.35 6.79
C LEU A 237 -4.70 -16.21 7.95
N GLY A 238 -3.80 -16.67 8.81
CA GLY A 238 -4.22 -17.53 9.93
C GLY A 238 -4.05 -19.01 9.61
N GLY A 239 -3.91 -19.83 10.62
CA GLY A 239 -3.63 -21.26 10.34
C GLY A 239 -2.47 -21.62 9.41
N GLU A 240 -1.37 -20.89 9.54
N GLU A 240 -1.37 -20.89 9.47
CA GLU A 240 -0.13 -21.18 8.80
CA GLU A 240 -0.14 -21.36 8.81
C GLU A 240 0.96 -21.46 9.84
C GLU A 240 1.00 -21.37 9.79
N ALA A 241 2.07 -22.05 9.42
CA ALA A 241 3.17 -22.32 10.35
C ALA A 241 3.93 -21.06 10.76
N ILE A 242 4.00 -20.07 9.88
CA ILE A 242 4.67 -18.80 10.20
C ILE A 242 3.63 -17.75 10.52
N GLN A 243 3.85 -17.02 11.61
CA GLN A 243 2.86 -16.03 12.07
C GLN A 243 3.38 -14.62 11.97
N SER A 244 2.50 -13.69 11.63
N SER A 244 2.47 -13.71 11.62
CA SER A 244 2.96 -12.31 11.47
CA SER A 244 2.80 -12.28 11.54
C SER A 244 3.49 -11.71 12.81
C SER A 244 3.54 -11.80 12.80
N SER A 245 3.06 -12.26 13.94
CA SER A 245 3.55 -11.80 15.24
C SER A 245 5.02 -12.09 15.47
N GLU A 246 5.58 -13.02 14.71
CA GLU A 246 7.00 -13.31 14.80
C GLU A 246 7.86 -12.11 14.40
N TYR A 247 7.29 -11.14 13.70
CA TYR A 247 8.00 -10.02 13.09
C TYR A 247 7.76 -8.66 13.76
N PHE A 248 6.99 -8.66 14.83
CA PHE A 248 6.55 -7.43 15.51
C PHE A 248 7.70 -6.67 16.15
N GLY A 249 8.76 -7.39 16.51
CA GLY A 249 9.94 -6.76 17.11
C GLY A 249 10.73 -5.89 16.14
N ASN A 250 10.52 -6.06 14.83
CA ASN A 250 11.31 -5.30 13.83
C ASN A 250 10.63 -4.06 13.29
N GLY A 251 9.31 -3.99 13.39
CA GLY A 251 8.56 -2.90 12.75
C GLY A 251 7.13 -3.36 12.51
N ARG A 252 6.40 -2.62 11.71
CA ARG A 252 5.03 -3.02 11.40
C ARG A 252 5.00 -4.18 10.40
N VAL A 253 3.82 -4.75 10.24
CA VAL A 253 3.60 -5.88 9.36
C VAL A 253 2.34 -5.63 8.54
N THR A 254 2.39 -5.99 7.26
CA THR A 254 1.22 -6.01 6.38
C THR A 254 0.18 -6.92 6.96
N GLU A 255 -1.01 -6.38 7.21
CA GLU A 255 -2.11 -7.20 7.65
C GLU A 255 -3.00 -7.60 6.45
N PHE A 256 -2.71 -8.75 5.86
CA PHE A 256 -3.42 -9.20 4.68
C PHE A 256 -4.82 -9.72 5.03
N LYS A 257 -5.08 -10.05 6.31
CA LYS A 257 -6.43 -10.47 6.68
C LYS A 257 -7.40 -9.33 6.42
N TYR A 258 -6.91 -8.09 6.54
CA TYR A 258 -7.77 -6.90 6.41
C TYR A 258 -8.50 -6.84 5.05
N GLY A 259 -7.77 -6.78 3.94
CA GLY A 259 -8.43 -6.70 2.60
C GLY A 259 -9.22 -7.95 2.16
N ALA A 260 -8.72 -9.12 2.54
CA ALA A 260 -9.37 -10.38 2.27
C ALA A 260 -10.73 -10.41 2.91
N LYS A 261 -10.81 -10.06 4.20
CA LYS A 261 -12.09 -10.10 4.92
CA LYS A 261 -12.09 -10.12 4.89
C LYS A 261 -13.02 -8.95 4.49
N LEU A 262 -12.47 -7.75 4.30
CA LEU A 262 -13.28 -6.58 3.91
C LEU A 262 -13.87 -6.75 2.51
N GLY A 263 -13.09 -7.37 1.63
CA GLY A 263 -13.56 -7.70 0.30
C GLY A 263 -14.75 -8.61 0.32
N THR A 264 -14.64 -9.65 1.12
CA THR A 264 -15.70 -10.63 1.24
C THR A 264 -16.96 -10.00 1.82
N VAL A 265 -16.80 -9.14 2.81
CA VAL A 265 -17.95 -8.48 3.43
C VAL A 265 -18.67 -7.53 2.45
N VAL A 266 -17.90 -6.67 1.81
CA VAL A 266 -18.48 -5.67 0.88
C VAL A 266 -19.12 -6.35 -0.35
N ARG A 267 -18.53 -7.46 -0.84
CA ARG A 267 -19.22 -8.24 -1.88
C ARG A 267 -20.41 -9.05 -1.40
N LYS A 268 -20.58 -9.15 -0.08
CA LYS A 268 -21.60 -10.00 0.54
C LYS A 268 -21.50 -11.50 0.17
N TRP A 269 -20.29 -12.03 0.15
CA TRP A 269 -20.04 -13.45 -0.05
C TRP A 269 -20.01 -14.20 1.29
N SER A 270 -20.21 -15.51 1.23
CA SER A 270 -20.03 -16.40 2.39
C SER A 270 -20.88 -16.00 3.57
N GLY A 271 -22.06 -15.46 3.31
CA GLY A 271 -22.99 -15.06 4.35
C GLY A 271 -22.60 -13.79 5.12
N GLU A 272 -21.54 -13.12 4.68
CA GLU A 272 -21.04 -11.95 5.37
C GLU A 272 -21.92 -10.71 5.14
N LYS A 273 -21.95 -9.83 6.13
CA LYS A 273 -22.68 -8.55 5.98
CA LYS A 273 -22.66 -8.55 5.96
C LYS A 273 -22.00 -7.41 6.75
N MET A 274 -22.27 -6.17 6.30
CA MET A 274 -21.54 -4.99 6.79
CA MET A 274 -21.52 -5.03 6.79
C MET A 274 -21.82 -4.77 8.26
N SER A 275 -22.99 -5.15 8.72
CA SER A 275 -23.29 -5.01 10.15
C SER A 275 -22.31 -5.77 11.05
N TYR A 276 -21.63 -6.80 10.52
CA TYR A 276 -20.56 -7.53 11.25
C TYR A 276 -19.30 -6.71 11.52
N LEU A 277 -19.14 -5.58 10.81
CA LEU A 277 -18.02 -4.72 10.98
C LEU A 277 -18.05 -3.84 12.25
N LYS A 278 -19.06 -3.98 13.09
CA LYS A 278 -19.13 -3.18 14.33
C LYS A 278 -17.85 -3.29 15.19
N ASN A 279 -17.23 -4.46 15.21
CA ASN A 279 -16.03 -4.70 15.99
C ASN A 279 -14.82 -4.95 15.13
N TRP A 280 -14.80 -4.39 13.91
CA TRP A 280 -13.66 -4.41 13.05
C TRP A 280 -12.40 -3.98 13.75
N GLY A 281 -11.31 -4.64 13.40
CA GLY A 281 -9.99 -4.39 13.98
C GLY A 281 -9.55 -5.62 14.78
N GLU A 282 -8.96 -5.39 15.93
CA GLU A 282 -8.53 -6.46 16.83
CA GLU A 282 -8.53 -6.48 16.81
C GLU A 282 -9.68 -7.43 17.14
N GLY A 283 -10.92 -6.90 17.17
CA GLY A 283 -12.07 -7.75 17.45
C GLY A 283 -12.25 -8.89 16.45
N TRP A 284 -11.77 -8.69 15.23
CA TRP A 284 -11.77 -9.73 14.17
C TRP A 284 -10.53 -10.65 14.15
N GLY A 285 -9.73 -10.64 15.21
CA GLY A 285 -8.51 -11.47 15.27
C GLY A 285 -7.30 -10.89 14.56
N PHE A 286 -7.36 -9.60 14.21
CA PHE A 286 -6.27 -8.93 13.55
C PHE A 286 -5.16 -8.56 14.53
N MET A 287 -3.99 -8.25 14.00
CA MET A 287 -2.84 -7.88 14.84
C MET A 287 -3.13 -6.53 15.54
N PRO A 288 -2.30 -6.15 16.52
CA PRO A 288 -2.59 -4.88 17.17
C PRO A 288 -2.49 -3.70 16.18
N SER A 289 -3.34 -2.69 16.39
CA SER A 289 -3.40 -1.57 15.46
C SER A 289 -2.08 -0.88 15.25
N ASP A 290 -1.30 -0.75 16.32
CA ASP A 290 -0.01 -0.03 16.27
CA ASP A 290 -0.02 -0.04 16.29
C ASP A 290 1.06 -0.87 15.60
N ARG A 291 0.72 -2.06 15.15
CA ARG A 291 1.68 -2.87 14.37
C ARG A 291 1.26 -3.06 12.91
N ALA A 292 0.07 -2.59 12.55
CA ALA A 292 -0.53 -2.92 11.25
C ALA A 292 -0.33 -1.86 10.18
N LEU A 293 -0.01 -2.35 8.98
CA LEU A 293 -0.12 -1.58 7.76
C LEU A 293 -1.27 -2.22 6.99
N VAL A 294 -2.29 -1.44 6.66
CA VAL A 294 -3.50 -1.92 6.02
C VAL A 294 -3.75 -1.29 4.65
N PHE A 295 -4.58 -1.97 3.87
CA PHE A 295 -4.81 -1.70 2.45
C PHE A 295 -5.94 -2.62 1.98
N VAL A 296 -6.66 -2.19 0.95
CA VAL A 296 -7.74 -2.95 0.38
C VAL A 296 -7.18 -3.95 -0.64
N ASP A 297 -6.36 -3.45 -1.54
CA ASP A 297 -5.58 -4.26 -2.47
C ASP A 297 -4.13 -3.84 -2.48
N ASN A 298 -3.28 -4.74 -2.97
CA ASN A 298 -1.89 -4.39 -3.28
C ASN A 298 -1.54 -4.79 -4.71
N HIS A 299 -0.29 -4.52 -5.11
CA HIS A 299 0.06 -4.70 -6.53
C HIS A 299 -0.02 -6.16 -6.97
N ASP A 300 0.14 -7.09 -6.03
N ASP A 300 0.13 -7.06 -6.01
CA ASP A 300 0.12 -8.51 -6.38
CA ASP A 300 0.17 -8.50 -6.26
C ASP A 300 -1.30 -9.05 -6.37
C ASP A 300 -1.24 -9.06 -6.32
N ASN A 301 -2.01 -8.83 -5.25
CA ASN A 301 -3.34 -9.44 -5.12
C ASN A 301 -4.42 -8.74 -5.90
N GLN A 302 -4.13 -7.55 -6.46
CA GLN A 302 -5.09 -6.94 -7.40
C GLN A 302 -5.19 -7.74 -8.69
N ARG A 303 -4.27 -8.66 -8.90
CA ARG A 303 -4.29 -9.51 -10.10
C ARG A 303 -5.08 -10.81 -9.90
N GLY A 304 -5.62 -10.98 -8.68
CA GLY A 304 -6.71 -11.90 -8.46
C GLY A 304 -6.34 -13.30 -8.04
N HIS A 305 -5.06 -13.61 -7.94
CA HIS A 305 -4.71 -14.91 -7.38
C HIS A 305 -3.59 -14.78 -6.36
N GLY A 306 -3.62 -13.71 -5.55
CA GLY A 306 -2.72 -13.60 -4.41
C GLY A 306 -3.50 -13.82 -3.13
N ALA A 307 -2.99 -13.27 -2.04
CA ALA A 307 -3.65 -13.42 -0.74
C ALA A 307 -5.01 -12.74 -0.76
N GLY A 308 -6.06 -13.53 -0.62
CA GLY A 308 -7.44 -13.05 -0.64
C GLY A 308 -8.15 -13.57 -1.85
N GLY A 309 -7.38 -13.99 -2.86
CA GLY A 309 -7.97 -14.56 -4.06
C GLY A 309 -8.95 -13.61 -4.73
N ALA A 310 -10.10 -14.16 -5.13
CA ALA A 310 -11.09 -13.44 -5.92
C ALA A 310 -11.88 -12.41 -5.06
N SER A 311 -11.78 -12.49 -3.74
CA SER A 311 -12.51 -11.59 -2.86
CA SER A 311 -12.53 -11.59 -2.88
C SER A 311 -11.96 -10.18 -2.91
N ILE A 312 -10.70 -10.07 -3.26
CA ILE A 312 -10.05 -8.76 -3.27
C ILE A 312 -10.73 -7.77 -4.22
N LEU A 313 -11.00 -6.58 -3.71
CA LEU A 313 -11.59 -5.50 -4.48
C LEU A 313 -10.49 -4.62 -5.08
N THR A 314 -10.69 -4.21 -6.35
CA THR A 314 -9.74 -3.40 -7.09
C THR A 314 -10.48 -2.34 -7.88
N PHE A 315 -9.72 -1.51 -8.57
CA PHE A 315 -10.30 -0.45 -9.41
C PHE A 315 -11.22 -0.98 -10.48
N TRP A 316 -11.07 -2.24 -10.86
CA TRP A 316 -11.95 -2.83 -11.88
C TRP A 316 -13.40 -2.88 -11.39
N ASP A 317 -13.55 -2.98 -10.07
N ASP A 317 -13.58 -3.04 -10.08
CA ASP A 317 -14.85 -3.07 -9.40
CA ASP A 317 -14.91 -3.07 -9.48
C ASP A 317 -15.14 -1.73 -8.70
C ASP A 317 -15.08 -1.76 -8.72
N ALA A 318 -15.08 -0.66 -9.48
CA ALA A 318 -14.92 0.70 -8.96
C ALA A 318 -15.89 1.12 -7.86
N ARG A 319 -17.18 0.86 -8.06
CA ARG A 319 -18.19 1.25 -7.11
C ARG A 319 -17.97 0.61 -5.73
N LEU A 320 -17.80 -0.72 -5.68
CA LEU A 320 -17.56 -1.40 -4.38
C LEU A 320 -16.18 -1.07 -3.85
N TYR A 321 -15.23 -0.86 -4.75
CA TYR A 321 -13.87 -0.51 -4.31
C TYR A 321 -13.91 0.79 -3.51
N LYS A 322 -14.61 1.81 -4.01
CA LYS A 322 -14.69 3.08 -3.29
C LYS A 322 -15.32 2.92 -1.91
N VAL A 323 -16.33 2.08 -1.81
CA VAL A 323 -16.96 1.77 -0.55
C VAL A 323 -15.94 1.19 0.45
N ALA A 324 -15.17 0.21 0.01
CA ALA A 324 -14.17 -0.43 0.88
C ALA A 324 -13.04 0.52 1.26
N VAL A 325 -12.57 1.32 0.31
CA VAL A 325 -11.49 2.28 0.59
C VAL A 325 -11.98 3.37 1.55
N GLY A 326 -13.22 3.81 1.35
CA GLY A 326 -13.88 4.73 2.25
C GLY A 326 -13.99 4.20 3.68
N PHE A 327 -14.49 2.98 3.83
CA PHE A 327 -14.54 2.37 5.15
C PHE A 327 -13.16 2.33 5.82
N MET A 328 -12.15 1.87 5.09
CA MET A 328 -10.79 1.78 5.59
C MET A 328 -10.26 3.13 6.10
N LEU A 329 -10.45 4.17 5.30
CA LEU A 329 -9.86 5.47 5.58
C LEU A 329 -10.57 6.19 6.70
N ALA A 330 -11.82 5.80 6.98
CA ALA A 330 -12.54 6.38 8.09
C ALA A 330 -12.31 5.64 9.38
N HIS A 331 -11.99 4.36 9.29
CA HIS A 331 -11.90 3.55 10.49
C HIS A 331 -10.51 3.75 11.18
N PRO A 332 -10.47 3.84 12.52
CA PRO A 332 -9.19 4.14 13.19
C PRO A 332 -8.09 3.05 13.15
N TYR A 333 -8.43 1.81 12.79
CA TYR A 333 -7.46 0.72 12.83
C TYR A 333 -6.36 0.86 11.78
N GLY A 334 -5.10 0.75 12.22
CA GLY A 334 -3.98 0.58 11.31
C GLY A 334 -3.46 1.87 10.67
N PHE A 335 -2.37 1.74 9.92
CA PHE A 335 -1.84 2.84 9.15
C PHE A 335 -2.14 2.47 7.71
N THR A 336 -2.77 3.38 6.99
CA THR A 336 -3.39 3.08 5.71
C THR A 336 -2.53 3.39 4.47
N ARG A 337 -2.53 2.45 3.52
CA ARG A 337 -1.91 2.63 2.23
C ARG A 337 -2.99 2.50 1.16
N VAL A 338 -2.99 3.47 0.27
CA VAL A 338 -3.86 3.58 -0.87
C VAL A 338 -3.09 3.09 -2.12
N MET A 339 -3.77 2.36 -2.99
CA MET A 339 -3.12 1.76 -4.13
C MET A 339 -3.27 2.72 -5.32
N SER A 340 -2.32 2.71 -6.24
CA SER A 340 -2.46 3.47 -7.48
C SER A 340 -1.89 2.64 -8.63
N SER A 341 -2.73 2.39 -9.62
CA SER A 341 -2.55 1.30 -10.58
C SER A 341 -2.43 1.79 -12.02
N TYR A 342 -2.11 0.84 -12.91
CA TYR A 342 -2.28 0.98 -14.33
C TYR A 342 -3.24 -0.08 -14.88
N ARG A 343 -3.84 0.23 -16.02
N ARG A 343 -3.86 0.24 -16.01
CA ARG A 343 -4.78 -0.66 -16.67
CA ARG A 343 -4.78 -0.67 -16.68
C ARG A 343 -4.00 -1.63 -17.54
C ARG A 343 -3.98 -1.64 -17.53
N TRP A 344 -4.49 -2.87 -17.64
CA TRP A 344 -3.94 -3.87 -18.56
C TRP A 344 -5.08 -4.68 -19.14
N ALA A 345 -4.79 -5.39 -20.23
CA ALA A 345 -5.77 -6.21 -20.91
C ALA A 345 -5.93 -7.53 -20.20
N ARG A 346 -6.95 -7.66 -19.36
CA ARG A 346 -7.20 -8.93 -18.68
C ARG A 346 -7.71 -9.97 -19.68
N ASN A 347 -7.30 -11.21 -19.48
CA ASN A 347 -7.71 -12.29 -20.33
C ASN A 347 -7.91 -13.53 -19.46
N PHE A 348 -9.16 -13.80 -19.06
CA PHE A 348 -9.47 -14.89 -18.14
C PHE A 348 -9.63 -16.22 -18.87
N VAL A 349 -8.88 -17.22 -18.43
CA VAL A 349 -8.95 -18.57 -18.99
C VAL A 349 -9.04 -19.53 -17.81
N ASN A 350 -10.21 -20.12 -17.60
CA ASN A 350 -10.47 -20.90 -16.40
C ASN A 350 -10.34 -20.09 -15.11
N GLY A 351 -11.02 -18.94 -15.05
CA GLY A 351 -10.95 -18.07 -13.87
C GLY A 351 -9.54 -17.60 -13.49
N GLN A 352 -8.64 -17.58 -14.44
CA GLN A 352 -7.25 -17.19 -14.23
C GLN A 352 -6.88 -16.13 -15.27
N ASP A 353 -6.39 -14.97 -14.84
CA ASP A 353 -5.97 -13.94 -15.81
C ASP A 353 -4.60 -14.34 -16.33
N VAL A 354 -4.55 -14.79 -17.58
CA VAL A 354 -3.25 -15.15 -18.18
C VAL A 354 -2.41 -13.93 -18.61
N ASN A 355 -2.98 -12.73 -18.55
CA ASN A 355 -2.21 -11.50 -18.81
C ASN A 355 -1.82 -10.78 -17.55
N ASP A 356 -1.76 -11.49 -16.42
CA ASP A 356 -1.41 -10.86 -15.16
C ASP A 356 0.05 -10.40 -15.07
N TRP A 357 0.89 -10.80 -16.02
CA TRP A 357 2.30 -10.41 -16.08
C TRP A 357 2.55 -9.01 -16.69
N ILE A 358 1.58 -8.51 -17.43
CA ILE A 358 1.80 -7.31 -18.24
C ILE A 358 2.33 -6.17 -17.37
N GLY A 359 3.36 -5.52 -17.90
CA GLY A 359 4.03 -4.44 -17.20
C GLY A 359 3.34 -3.11 -17.44
N PRO A 360 3.93 -2.04 -16.92
CA PRO A 360 3.29 -0.74 -17.03
C PRO A 360 3.22 -0.20 -18.46
N PRO A 361 2.36 0.80 -18.68
CA PRO A 361 2.16 1.35 -20.01
C PRO A 361 3.51 1.75 -20.56
N ASN A 362 3.75 1.41 -21.82
CA ASN A 362 5.10 1.53 -22.35
C ASN A 362 5.05 1.66 -23.86
N ASN A 363 6.06 2.36 -24.40
CA ASN A 363 6.38 2.31 -25.82
C ASN A 363 7.61 1.48 -26.02
N ASN A 364 7.42 0.28 -26.58
CA ASN A 364 8.55 -0.63 -26.83
C ASN A 364 9.48 -0.76 -25.61
N GLY A 365 8.91 -1.03 -24.44
CA GLY A 365 9.71 -1.22 -23.23
C GLY A 365 9.98 0.02 -22.39
N VAL A 366 9.79 1.22 -22.97
CA VAL A 366 10.03 2.48 -22.26
C VAL A 366 8.76 2.98 -21.58
N ILE A 367 8.79 3.14 -20.26
CA ILE A 367 7.58 3.47 -19.52
C ILE A 367 7.05 4.85 -19.96
N LYS A 368 5.76 4.92 -20.23
CA LYS A 368 5.11 6.18 -20.64
C LYS A 368 4.93 7.16 -19.49
N GLU A 369 5.01 8.44 -19.81
N GLU A 369 5.00 8.44 -19.84
CA GLU A 369 4.81 9.47 -18.80
CA GLU A 369 4.75 9.53 -18.91
C GLU A 369 3.36 9.47 -18.34
C GLU A 369 3.33 9.48 -18.34
N VAL A 370 3.15 9.93 -17.10
CA VAL A 370 1.84 10.12 -16.56
C VAL A 370 1.33 11.49 -17.04
N THR A 371 0.31 11.50 -17.88
CA THR A 371 -0.26 12.75 -18.37
C THR A 371 -1.44 13.10 -17.50
N ILE A 372 -1.66 14.40 -17.28
CA ILE A 372 -2.78 14.88 -16.47
C ILE A 372 -3.84 15.55 -17.32
N ASN A 373 -5.09 15.10 -17.23
CA ASN A 373 -6.16 15.70 -18.04
C ASN A 373 -6.76 16.93 -17.35
N ALA A 374 -7.47 17.74 -18.13
CA ALA A 374 -8.11 18.93 -17.60
C ALA A 374 -9.02 18.62 -16.42
N ASP A 375 -9.66 17.45 -16.43
CA ASP A 375 -10.56 17.06 -15.33
C ASP A 375 -9.83 16.44 -14.13
N THR A 376 -8.49 16.53 -14.15
CA THR A 376 -7.63 15.98 -13.09
C THR A 376 -7.44 14.46 -13.12
N THR A 377 -7.98 13.77 -14.12
CA THR A 377 -7.72 12.31 -14.29
C THR A 377 -6.39 12.14 -15.03
N CYS A 378 -5.90 10.92 -15.08
CA CYS A 378 -4.63 10.65 -15.73
C CYS A 378 -4.89 10.03 -17.09
N GLY A 379 -3.94 10.22 -18.01
CA GLY A 379 -3.95 9.56 -19.30
C GLY A 379 -2.94 8.42 -19.35
N ASN A 380 -2.78 7.86 -20.55
CA ASN A 380 -1.80 6.84 -20.85
C ASN A 380 -2.03 5.53 -20.05
N ASP A 381 -3.28 5.27 -19.71
CA ASP A 381 -3.72 4.05 -18.99
C ASP A 381 -3.22 3.93 -17.58
N TRP A 382 -2.73 5.04 -17.03
CA TRP A 382 -2.54 5.09 -15.59
C TRP A 382 -3.91 5.37 -14.96
N VAL A 383 -4.30 4.53 -13.99
CA VAL A 383 -5.64 4.64 -13.35
C VAL A 383 -5.76 5.83 -12.37
N CYS A 384 -4.70 6.09 -11.61
CA CYS A 384 -4.69 7.22 -10.68
C CYS A 384 -5.86 7.21 -9.69
N GLU A 385 -6.10 6.06 -9.03
CA GLU A 385 -7.13 6.01 -7.99
C GLU A 385 -6.98 7.12 -6.96
N HIS A 386 -5.74 7.48 -6.63
CA HIS A 386 -5.48 8.50 -5.63
C HIS A 386 -5.98 9.87 -6.03
N ARG A 387 -6.32 10.05 -7.31
CA ARG A 387 -6.92 11.30 -7.78
C ARG A 387 -8.45 11.26 -7.86
N TRP A 388 -9.05 10.08 -7.69
CA TRP A 388 -10.51 10.05 -7.68
C TRP A 388 -11.03 10.87 -6.49
N ARG A 389 -12.03 11.70 -6.74
CA ARG A 389 -12.57 12.59 -5.69
C ARG A 389 -12.88 11.82 -4.41
N GLN A 390 -13.52 10.67 -4.56
CA GLN A 390 -14.03 9.89 -3.44
C GLN A 390 -12.88 9.38 -2.56
N ILE A 391 -11.74 9.11 -3.19
CA ILE A 391 -10.56 8.62 -2.49
C ILE A 391 -9.75 9.79 -1.90
N ARG A 392 -9.45 10.80 -2.70
N ARG A 392 -9.45 10.77 -2.73
CA ARG A 392 -8.71 11.95 -2.17
CA ARG A 392 -8.79 12.00 -2.30
C ARG A 392 -9.41 12.64 -1.00
C ARG A 392 -9.42 12.58 -1.03
N ASN A 393 -10.73 12.80 -1.04
CA ASN A 393 -11.43 13.44 0.10
C ASN A 393 -11.48 12.61 1.37
N MET A 394 -11.42 11.30 1.22
CA MET A 394 -11.38 10.39 2.37
C MET A 394 -9.95 10.31 2.95
N VAL A 395 -8.95 10.59 2.13
CA VAL A 395 -7.59 10.79 2.63
C VAL A 395 -7.56 12.04 3.52
N TRP A 396 -8.22 13.11 3.09
N TRP A 396 -8.24 13.09 3.06
CA TRP A 396 -8.31 14.32 3.89
CA TRP A 396 -8.40 14.34 3.79
C TRP A 396 -9.12 14.04 5.17
C TRP A 396 -9.19 14.15 5.10
N PHE A 397 -10.26 13.36 5.03
CA PHE A 397 -11.08 12.96 6.18
C PHE A 397 -10.24 12.30 7.27
N ARG A 398 -9.40 11.34 6.90
CA ARG A 398 -8.53 10.68 7.90
C ARG A 398 -7.57 11.61 8.61
N ASN A 399 -7.01 12.58 7.87
CA ASN A 399 -6.20 13.64 8.49
C ASN A 399 -7.00 14.45 9.53
N VAL A 400 -8.20 14.90 9.15
CA VAL A 400 -9.02 15.75 9.95
C VAL A 400 -9.43 15.08 11.26
N VAL A 401 -9.71 13.79 11.21
CA VAL A 401 -10.21 13.06 12.40
C VAL A 401 -9.15 12.31 13.20
N ASP A 402 -7.90 12.36 12.77
CA ASP A 402 -6.80 11.68 13.45
C ASP A 402 -6.87 11.87 14.96
N GLY A 403 -6.77 10.78 15.71
CA GLY A 403 -6.81 10.88 17.18
C GLY A 403 -8.19 10.75 17.80
N GLN A 404 -9.25 10.95 17.02
CA GLN A 404 -10.60 10.90 17.56
C GLN A 404 -11.10 9.47 17.64
N PRO A 405 -11.77 9.11 18.74
CA PRO A 405 -12.20 7.71 18.93
C PRO A 405 -13.35 7.28 18.02
N PHE A 406 -13.41 5.99 17.72
CA PHE A 406 -14.57 5.39 17.08
C PHE A 406 -15.78 5.69 17.96
N ALA A 407 -16.92 6.09 17.38
CA ALA A 407 -18.09 6.49 18.18
C ALA A 407 -19.36 6.43 17.37
N ASN A 408 -20.50 6.38 18.08
CA ASN A 408 -21.82 6.51 17.47
C ASN A 408 -22.09 5.52 16.36
N TRP A 409 -21.70 4.26 16.57
CA TRP A 409 -21.99 3.23 15.58
C TRP A 409 -23.51 3.00 15.46
N TRP A 410 -23.99 2.76 14.24
CA TRP A 410 -25.37 2.39 13.99
C TRP A 410 -25.38 1.36 12.87
N ASP A 411 -26.32 0.41 12.94
CA ASP A 411 -26.56 -0.46 11.79
C ASP A 411 -28.03 -0.86 11.74
N ASN A 412 -28.47 -1.33 10.58
CA ASN A 412 -29.84 -1.80 10.38
C ASN A 412 -29.96 -3.32 10.51
N GLY A 413 -28.92 -3.97 11.00
CA GLY A 413 -28.95 -5.42 11.14
C GLY A 413 -28.57 -6.15 9.88
N SER A 414 -28.21 -5.41 8.83
CA SER A 414 -27.93 -6.04 7.55
C SER A 414 -26.70 -5.38 6.89
N ASN A 415 -26.90 -4.50 5.91
CA ASN A 415 -25.77 -3.87 5.18
C ASN A 415 -25.82 -2.34 5.10
N GLN A 416 -26.53 -1.72 6.05
CA GLN A 416 -26.46 -0.28 6.22
C GLN A 416 -25.82 -0.01 7.56
N VAL A 417 -24.75 0.79 7.55
CA VAL A 417 -23.99 1.06 8.77
C VAL A 417 -23.50 2.47 8.80
N ALA A 418 -23.20 2.96 9.99
CA ALA A 418 -22.65 4.31 10.11
C ALA A 418 -21.81 4.36 11.36
N PHE A 419 -20.83 5.25 11.33
CA PHE A 419 -20.11 5.57 12.53
C PHE A 419 -19.41 6.90 12.40
N GLY A 420 -18.96 7.41 13.54
CA GLY A 420 -18.17 8.63 13.56
C GLY A 420 -16.83 8.49 14.26
N ARG A 421 -16.10 9.59 14.20
CA ARG A 421 -14.82 9.73 14.85
C ARG A 421 -14.92 10.95 15.75
N GLY A 422 -15.09 10.71 17.04
CA GLY A 422 -15.28 11.80 18.01
C GLY A 422 -16.32 12.79 17.51
N ASN A 423 -16.01 14.06 17.65
CA ASN A 423 -16.88 15.11 17.21
C ASN A 423 -16.36 15.79 15.94
N ARG A 424 -15.63 15.07 15.09
CA ARG A 424 -14.99 15.71 13.93
CA ARG A 424 -14.96 15.70 13.94
C ARG A 424 -15.31 15.06 12.59
N GLY A 425 -15.93 13.89 12.61
CA GLY A 425 -16.31 13.25 11.34
C GLY A 425 -17.35 12.17 11.46
N PHE A 426 -18.11 11.94 10.38
CA PHE A 426 -19.17 10.93 10.37
C PHE A 426 -19.36 10.37 8.97
N ILE A 427 -19.58 9.06 8.91
CA ILE A 427 -19.75 8.40 7.64
C ILE A 427 -20.89 7.40 7.67
N VAL A 428 -21.60 7.29 6.55
N VAL A 428 -21.64 7.30 6.58
CA VAL A 428 -22.79 6.46 6.44
CA VAL A 428 -22.76 6.37 6.50
C VAL A 428 -22.76 5.66 5.14
C VAL A 428 -22.80 5.65 5.15
N PHE A 429 -23.07 4.36 5.21
CA PHE A 429 -23.02 3.50 4.03
C PHE A 429 -24.36 2.78 3.83
N ASN A 430 -24.79 2.64 2.58
CA ASN A 430 -25.87 1.76 2.24
C ASN A 430 -25.40 0.73 1.25
N ASN A 431 -25.08 -0.47 1.70
CA ASN A 431 -24.77 -1.56 0.78
C ASN A 431 -25.91 -2.60 0.69
N ASP A 432 -27.13 -2.21 1.06
CA ASP A 432 -28.31 -3.09 0.95
C ASP A 432 -29.01 -2.82 -0.36
N ASP A 433 -29.91 -3.71 -0.77
CA ASP A 433 -30.73 -3.51 -1.98
C ASP A 433 -32.03 -2.73 -1.75
N TRP A 434 -32.01 -1.81 -0.81
CA TRP A 434 -33.16 -0.97 -0.60
C TRP A 434 -32.70 0.34 -0.04
N GLN A 435 -33.64 1.28 0.07
CA GLN A 435 -33.37 2.66 0.43
C GLN A 435 -32.95 2.83 1.89
N LEU A 436 -31.99 3.72 2.13
CA LEU A 436 -31.66 4.17 3.47
CA LEU A 436 -31.66 4.17 3.47
C LEU A 436 -32.27 5.56 3.63
N SER A 437 -33.05 5.76 4.68
CA SER A 437 -33.62 7.06 4.98
C SER A 437 -33.86 7.12 6.46
N SER A 438 -32.89 7.62 7.20
CA SER A 438 -32.97 7.61 8.64
CA SER A 438 -32.94 7.58 8.65
CA SER A 438 -32.99 7.62 8.65
C SER A 438 -32.29 8.83 9.26
N THR A 439 -32.77 9.20 10.43
CA THR A 439 -32.21 10.27 11.21
C THR A 439 -31.31 9.66 12.26
N LEU A 440 -30.03 9.97 12.16
CA LEU A 440 -28.97 9.35 12.95
C LEU A 440 -28.23 10.41 13.76
N GLN A 441 -27.76 10.01 14.94
CA GLN A 441 -26.86 10.82 15.74
C GLN A 441 -25.42 10.82 15.15
N THR A 442 -24.88 12.01 14.89
CA THR A 442 -23.59 12.09 14.18
C THR A 442 -22.44 12.42 15.12
N GLY A 443 -22.74 12.94 16.29
CA GLY A 443 -21.72 13.43 17.24
C GLY A 443 -21.07 14.76 16.88
N LEU A 444 -21.51 15.35 15.79
CA LEU A 444 -20.94 16.62 15.32
CA LEU A 444 -20.95 16.62 15.30
C LEU A 444 -21.76 17.83 15.81
N PRO A 445 -21.12 19.01 15.91
CA PRO A 445 -21.81 20.24 16.22
C PRO A 445 -22.80 20.61 15.12
N GLY A 446 -23.90 21.25 15.50
CA GLY A 446 -24.89 21.67 14.53
C GLY A 446 -24.31 22.57 13.45
N GLY A 447 -24.86 22.45 12.25
CA GLY A 447 -24.43 23.22 11.09
C GLY A 447 -24.73 22.52 9.77
N THR A 448 -24.31 23.13 8.69
CA THR A 448 -24.48 22.54 7.38
C THR A 448 -23.14 22.12 6.84
N TYR A 449 -23.04 20.83 6.49
CA TYR A 449 -21.79 20.22 6.05
C TYR A 449 -21.88 19.74 4.61
N CYS A 450 -20.80 19.93 3.85
CA CYS A 450 -20.73 19.32 2.50
C CYS A 450 -20.38 17.83 2.61
N ASP A 451 -21.10 17.01 1.85
CA ASP A 451 -20.74 15.62 1.65
C ASP A 451 -19.52 15.62 0.76
N VAL A 452 -18.44 14.97 1.22
CA VAL A 452 -17.17 14.99 0.48
C VAL A 452 -17.03 13.80 -0.49
N ILE A 453 -18.03 12.95 -0.54
CA ILE A 453 -18.05 11.86 -1.52
C ILE A 453 -18.65 12.35 -2.84
N SER A 454 -19.79 13.06 -2.80
CA SER A 454 -20.44 13.55 -4.03
C SER A 454 -19.89 14.90 -4.50
N GLY A 455 -19.12 15.57 -3.66
CA GLY A 455 -18.64 16.87 -4.04
C GLY A 455 -17.58 17.39 -3.10
N ASP A 456 -17.39 18.71 -3.16
CA ASP A 456 -16.37 19.44 -2.43
C ASP A 456 -17.00 20.68 -1.81
N LYS A 457 -16.36 21.21 -0.77
CA LYS A 457 -16.62 22.55 -0.29
C LYS A 457 -15.79 23.50 -1.14
N VAL A 458 -16.45 24.41 -1.82
CA VAL A 458 -15.77 25.41 -2.62
C VAL A 458 -16.34 26.76 -2.20
N GLY A 459 -15.50 27.59 -1.60
CA GLY A 459 -15.95 28.84 -1.00
C GLY A 459 -16.95 28.60 0.12
N ASN A 460 -18.11 29.24 0.02
CA ASN A 460 -19.19 29.16 0.98
CA ASN A 460 -19.16 29.08 1.04
C ASN A 460 -20.32 28.26 0.48
N SER A 461 -19.98 27.31 -0.39
CA SER A 461 -20.98 26.42 -0.96
CA SER A 461 -20.96 26.44 -1.04
CA SER A 461 -20.96 26.43 -1.03
C SER A 461 -20.45 24.99 -1.11
N CYS A 462 -21.34 24.08 -1.47
CA CYS A 462 -21.02 22.67 -1.68
C CYS A 462 -21.36 22.35 -3.14
N THR A 463 -20.57 21.52 -3.81
CA THR A 463 -20.86 21.17 -5.18
C THR A 463 -21.71 19.90 -5.29
N GLY A 464 -21.83 19.16 -4.21
CA GLY A 464 -22.68 17.98 -4.18
C GLY A 464 -23.72 18.08 -3.07
N ILE A 465 -24.00 16.96 -2.43
CA ILE A 465 -24.98 16.87 -1.38
C ILE A 465 -24.58 17.71 -0.16
N LYS A 466 -25.55 18.40 0.46
CA LYS A 466 -25.31 19.10 1.71
CA LYS A 466 -25.38 19.15 1.71
C LYS A 466 -26.13 18.42 2.82
N VAL A 467 -25.54 18.30 4.01
CA VAL A 467 -26.22 17.66 5.14
C VAL A 467 -26.40 18.67 6.29
N TYR A 468 -27.66 18.89 6.69
CA TYR A 468 -27.96 19.82 7.79
C TYR A 468 -28.04 19.04 9.10
N VAL A 469 -27.16 19.38 10.04
CA VAL A 469 -27.10 18.74 11.36
C VAL A 469 -27.76 19.61 12.40
N SER A 470 -28.69 19.04 13.16
N SER A 470 -28.68 19.03 13.16
CA SER A 470 -29.39 19.78 14.19
CA SER A 470 -29.39 19.74 14.21
C SER A 470 -28.48 20.13 15.36
C SER A 470 -28.47 20.14 15.36
N SER A 471 -29.00 20.97 16.25
CA SER A 471 -28.23 21.39 17.42
CA SER A 471 -28.24 21.38 17.43
CA SER A 471 -28.27 21.40 17.44
C SER A 471 -27.92 20.21 18.33
N ASP A 472 -28.74 19.16 18.26
CA ASP A 472 -28.52 17.99 19.10
C ASP A 472 -27.68 16.90 18.44
N GLY A 473 -27.15 17.17 17.27
CA GLY A 473 -26.22 16.26 16.58
C GLY A 473 -26.86 15.33 15.58
N THR A 474 -28.19 15.33 15.47
CA THR A 474 -28.85 14.44 14.54
C THR A 474 -28.98 15.05 13.13
N ALA A 475 -29.02 14.16 12.15
CA ALA A 475 -29.19 14.53 10.75
C ALA A 475 -29.88 13.41 10.02
N GLN A 476 -30.60 13.76 8.97
CA GLN A 476 -31.18 12.77 8.09
C GLN A 476 -30.24 12.44 6.97
N PHE A 477 -30.09 11.14 6.72
CA PHE A 477 -29.32 10.66 5.58
C PHE A 477 -30.23 9.85 4.71
N SER A 478 -30.22 10.20 3.43
CA SER A 478 -31.02 9.51 2.43
CA SER A 478 -31.02 9.51 2.43
C SER A 478 -30.12 9.01 1.30
N ILE A 479 -30.04 7.69 1.16
CA ILE A 479 -29.20 7.11 0.12
C ILE A 479 -29.92 6.00 -0.57
N SER A 480 -30.10 6.15 -1.88
CA SER A 480 -30.72 5.10 -2.67
C SER A 480 -29.72 3.96 -2.91
N ASN A 481 -30.22 2.75 -3.12
CA ASN A 481 -29.33 1.64 -3.48
C ASN A 481 -28.81 1.76 -4.91
N SER A 482 -29.39 2.65 -5.69
CA SER A 482 -28.89 2.88 -7.02
C SER A 482 -28.01 4.14 -7.08
N ALA A 483 -27.61 4.68 -5.94
CA ALA A 483 -26.72 5.84 -5.96
C ALA A 483 -25.38 5.41 -6.58
N GLU A 484 -24.81 6.32 -7.35
CA GLU A 484 -23.48 6.10 -7.93
C GLU A 484 -22.47 5.74 -6.83
N ASP A 485 -22.42 6.55 -5.77
CA ASP A 485 -21.66 6.24 -4.58
C ASP A 485 -22.59 6.10 -3.38
N PRO A 486 -22.81 4.86 -2.92
CA PRO A 486 -23.80 4.62 -1.89
C PRO A 486 -23.31 4.93 -0.49
N PHE A 487 -22.61 6.05 -0.32
CA PHE A 487 -22.14 6.46 1.01
C PHE A 487 -21.89 7.96 1.04
N ILE A 488 -21.97 8.51 2.25
CA ILE A 488 -21.85 9.96 2.49
C ILE A 488 -20.88 10.14 3.65
N ALA A 489 -20.01 11.11 3.54
CA ALA A 489 -19.07 11.44 4.62
C ALA A 489 -18.97 12.93 4.81
N ILE A 490 -19.04 13.35 6.08
CA ILE A 490 -18.94 14.77 6.41
C ILE A 490 -17.90 14.94 7.54
N HIS A 491 -17.22 16.09 7.60
CA HIS A 491 -16.27 16.32 8.67
C HIS A 491 -16.11 17.79 9.02
N ALA A 492 -15.32 18.07 10.06
CA ALA A 492 -15.20 19.40 10.60
C ALA A 492 -14.75 20.42 9.55
N GLU A 493 -13.92 20.00 8.60
CA GLU A 493 -13.46 20.96 7.60
C GLU A 493 -14.36 21.05 6.36
N SER A 494 -15.49 20.35 6.37
CA SER A 494 -16.44 20.49 5.26
C SER A 494 -17.71 21.24 5.68
N LYS A 495 -17.70 21.80 6.88
CA LYS A 495 -18.78 22.62 7.42
C LYS A 495 -18.75 24.00 6.78
N LEU A 496 -19.92 24.50 6.37
CA LEU A 496 -20.06 25.88 5.90
C LEU A 496 -20.02 26.85 7.07
#